data_8SV3
#
_entry.id   8SV3
#
_cell.length_a   36.983
_cell.length_b   89.000
_cell.length_c   72.566
_cell.angle_alpha   90.00
_cell.angle_beta   100.44
_cell.angle_gamma   90.00
#
_symmetry.space_group_name_H-M   'P 1 21 1'
#
loop_
_entity.id
_entity.type
_entity.pdbx_description
1 polymer 'Ribonuclease H'
2 polymer 'Modified DNA'
3 non-polymer 'MAGNESIUM ION'
4 non-polymer 'SODIUM ION'
5 non-polymer GLYCEROL
6 water water
#
loop_
_entity_poly.entity_id
_entity_poly.type
_entity_poly.pdbx_seq_one_letter_code
_entity_poly.pdbx_strand_id
1 'polypeptide(L)'
;GSHMAKEEIIWESLSVDVGSQGNPGIVEYKGVDTKTGEVLFEREPIPIGTNNMGEFLAIVHGLRYLKERNSRKPIYSNSQ
TAIKWVKDKKAKSTLVRNEETALIWKLVDEAEEWLNTHTYETPILKWQTDKWGEIKADYGRK
;
A,B,C
2 'polydeoxyribonucleotide' (B86)(7GU)(C37)(7GU)(7DA)(7DA)(UCL)(UCL)(C37)(7GU)(C37)(7GU) D,E
#
loop_
_chem_comp.id
_chem_comp.type
_chem_comp.name
_chem_comp.formula
7DA DNA linking 7-DEAZA-2'-DEOXYADENOSINE-5'-MONOPHOSPHATE 'C11 H15 N4 O6 P'
7GU DNA linking 7-DEAZA-2'-DEOXYGUANOSINE-5'-MONOPHOSPHATE 'C11 H15 N4 O7 P'
B86 non-polymer 2'-deoxy-5-fluorocytidine 'C9 H12 F N3 O4'
C37 DNA linking 5-FLUORO-2'-DEOXY-CYTIDINE-5'-MONOPHOSPHATE 'C9 H13 F N3 O7 P'
GOL non-polymer GLYCEROL 'C3 H8 O3'
MG non-polymer 'MAGNESIUM ION' 'Mg 2'
NA non-polymer 'SODIUM ION' 'Na 1'
UCL DNA linking '5-CHLORO-2'-DEOXYURIDINE 5'-(DIHYDROGEN PHOSPHATE)' 'C9 H12 Cl N2 O8 P'
#
# COMPACT_ATOMS: atom_id res chain seq x y z
N GLU A 8 -19.58 -23.95 11.15
CA GLU A 8 -19.93 -23.09 10.00
C GLU A 8 -18.79 -22.09 9.77
N ILE A 9 -19.10 -20.87 9.32
CA ILE A 9 -18.08 -19.86 8.94
C ILE A 9 -17.46 -19.25 10.21
N ILE A 10 -16.14 -19.20 10.26
CA ILE A 10 -15.39 -18.43 11.29
C ILE A 10 -15.28 -16.98 10.82
N TRP A 11 -16.17 -16.10 11.28
CA TRP A 11 -16.25 -14.71 10.77
C TRP A 11 -15.02 -13.90 11.19
N GLU A 12 -14.40 -14.24 12.32
CA GLU A 12 -13.18 -13.59 12.83
C GLU A 12 -11.98 -14.21 12.10
N SER A 13 -11.81 -13.84 10.83
CA SER A 13 -10.84 -14.48 9.92
C SER A 13 -10.43 -13.51 8.82
N LEU A 14 -9.45 -13.92 8.03
CA LEU A 14 -8.96 -13.22 6.81
C LEU A 14 -9.40 -14.02 5.58
N SER A 15 -9.95 -13.36 4.57
CA SER A 15 -10.33 -13.99 3.27
C SER A 15 -9.44 -13.41 2.16
N VAL A 16 -8.87 -14.26 1.32
CA VAL A 16 -8.00 -13.80 0.21
C VAL A 16 -8.62 -14.30 -1.09
N ASP A 17 -8.38 -13.55 -2.16
CA ASP A 17 -8.73 -14.02 -3.52
C ASP A 17 -7.93 -13.22 -4.55
N VAL A 18 -7.96 -13.75 -5.75
CA VAL A 18 -7.14 -13.29 -6.89
C VAL A 18 -8.10 -12.74 -7.93
N GLY A 19 -7.67 -11.68 -8.61
CA GLY A 19 -8.32 -11.14 -9.81
C GLY A 19 -7.39 -11.31 -11.00
N SER A 20 -7.72 -12.24 -11.89
CA SER A 20 -6.93 -12.55 -13.13
C SER A 20 -7.59 -11.85 -14.33
N GLN A 21 -6.80 -11.24 -15.21
CA GLN A 21 -7.23 -10.89 -16.58
C GLN A 21 -6.41 -11.71 -17.58
N GLY A 22 -6.93 -12.87 -17.96
CA GLY A 22 -6.14 -13.89 -18.69
C GLY A 22 -5.39 -14.80 -17.75
N ASN A 23 -4.98 -15.96 -18.25
CA ASN A 23 -4.30 -17.00 -17.44
C ASN A 23 -3.53 -17.88 -18.41
N PRO A 24 -2.20 -17.69 -18.54
CA PRO A 24 -1.45 -16.67 -17.80
C PRO A 24 -1.83 -15.26 -18.26
N GLY A 25 -1.86 -14.32 -17.34
CA GLY A 25 -2.22 -12.93 -17.64
C GLY A 25 -2.02 -12.04 -16.43
N ILE A 26 -2.68 -10.88 -16.43
CA ILE A 26 -2.49 -9.85 -15.39
C ILE A 26 -3.04 -10.40 -14.08
N VAL A 27 -2.27 -10.34 -13.00
CA VAL A 27 -2.67 -10.89 -11.68
C VAL A 27 -2.71 -9.76 -10.64
N GLU A 28 -3.81 -9.66 -9.91
CA GLU A 28 -3.88 -8.88 -8.64
C GLU A 28 -4.40 -9.82 -7.55
N TYR A 29 -4.21 -9.46 -6.28
CA TYR A 29 -4.86 -10.21 -5.20
C TYR A 29 -5.12 -9.24 -4.06
N LYS A 30 -6.00 -9.67 -3.15
CA LYS A 30 -6.28 -8.88 -1.93
C LYS A 30 -6.71 -9.79 -0.80
N GLY A 31 -6.51 -9.28 0.41
CA GLY A 31 -7.01 -9.88 1.65
C GLY A 31 -7.97 -8.93 2.32
N VAL A 32 -9.09 -9.45 2.78
CA VAL A 32 -10.17 -8.64 3.41
C VAL A 32 -10.56 -9.27 4.74
N ASP A 33 -11.12 -8.45 5.63
CA ASP A 33 -11.82 -8.93 6.83
C ASP A 33 -13.07 -9.72 6.41
N THR A 34 -13.16 -10.99 6.79
CA THR A 34 -14.29 -11.87 6.40
C THR A 34 -15.61 -11.26 6.89
N LYS A 35 -15.59 -10.61 8.05
CA LYS A 35 -16.81 -10.13 8.77
C LYS A 35 -17.34 -8.86 8.08
N THR A 36 -16.46 -7.96 7.64
CA THR A 36 -16.82 -6.57 7.23
C THR A 36 -16.51 -6.30 5.76
N GLY A 37 -15.60 -7.07 5.16
CA GLY A 37 -15.11 -6.82 3.78
C GLY A 37 -14.05 -5.73 3.73
N GLU A 38 -13.66 -5.15 4.86
CA GLU A 38 -12.59 -4.13 4.87
C GLU A 38 -11.34 -4.71 4.21
N VAL A 39 -10.79 -4.00 3.23
CA VAL A 39 -9.52 -4.41 2.55
C VAL A 39 -8.35 -4.19 3.52
N LEU A 40 -7.61 -5.26 3.79
CA LEU A 40 -6.47 -5.26 4.75
C LEU A 40 -5.15 -5.18 3.97
N PHE A 41 -5.08 -5.82 2.80
CA PHE A 41 -3.92 -5.64 1.90
C PHE A 41 -4.37 -5.90 0.46
N GLU A 42 -3.63 -5.32 -0.49
CA GLU A 42 -3.90 -5.47 -1.94
C GLU A 42 -2.56 -5.49 -2.66
N ARG A 43 -2.40 -6.41 -3.60
CA ARG A 43 -1.22 -6.43 -4.49
C ARG A 43 -1.57 -5.80 -5.83
N GLU A 44 -0.77 -4.82 -6.22
CA GLU A 44 -0.89 -4.07 -7.49
C GLU A 44 -0.63 -5.02 -8.64
N PRO A 45 -1.15 -4.73 -9.85
CA PRO A 45 -1.04 -5.66 -10.98
C PRO A 45 0.38 -6.17 -11.23
N ILE A 46 0.48 -7.48 -11.41
CA ILE A 46 1.66 -8.21 -11.91
C ILE A 46 1.40 -8.60 -13.36
N PRO A 47 2.15 -8.07 -14.33
CA PRO A 47 1.75 -8.19 -15.74
C PRO A 47 1.44 -9.62 -16.21
N ILE A 48 2.23 -10.61 -15.81
CA ILE A 48 2.03 -12.01 -16.26
C ILE A 48 2.20 -12.94 -15.05
N GLY A 49 1.16 -13.70 -14.79
CA GLY A 49 1.18 -14.79 -13.80
C GLY A 49 0.04 -15.75 -14.09
N THR A 50 0.01 -16.89 -13.42
CA THR A 50 -1.18 -17.76 -13.47
C THR A 50 -2.10 -17.48 -12.28
N ASN A 51 -3.34 -17.89 -12.42
CA ASN A 51 -4.35 -17.78 -11.34
C ASN A 51 -3.84 -18.50 -10.08
N ASN A 52 -3.31 -19.71 -10.21
CA ASN A 52 -2.87 -20.52 -9.05
C ASN A 52 -1.66 -19.84 -8.39
N MET A 53 -0.75 -19.27 -9.17
CA MET A 53 0.40 -18.54 -8.56
C MET A 53 -0.12 -17.34 -7.77
N GLY A 54 -1.11 -16.62 -8.28
CA GLY A 54 -1.68 -15.48 -7.55
C GLY A 54 -2.35 -15.94 -6.27
N GLU A 55 -3.08 -17.06 -6.30
CA GLU A 55 -3.78 -17.58 -5.10
C GLU A 55 -2.75 -18.00 -4.03
N PHE A 56 -1.66 -18.62 -4.45
CA PHE A 56 -0.55 -19.02 -3.56
C PHE A 56 0.04 -17.78 -2.90
N LEU A 57 0.36 -16.76 -3.71
CA LEU A 57 0.93 -15.51 -3.16
C LEU A 57 -0.04 -14.88 -2.16
N ALA A 58 -1.34 -14.88 -2.45
CA ALA A 58 -2.36 -14.23 -1.60
C ALA A 58 -2.34 -14.90 -0.22
N ILE A 59 -2.27 -16.23 -0.19
CA ILE A 59 -2.27 -16.97 1.10
C ILE A 59 -0.99 -16.67 1.88
N VAL A 60 0.16 -16.67 1.22
CA VAL A 60 1.45 -16.43 1.93
C VAL A 60 1.50 -14.97 2.41
N HIS A 61 0.99 -14.02 1.64
CA HIS A 61 0.88 -12.60 2.07
C HIS A 61 0.00 -12.56 3.34
N GLY A 62 -1.09 -13.30 3.34
CA GLY A 62 -1.97 -13.41 4.52
C GLY A 62 -1.23 -13.95 5.72
N LEU A 63 -0.46 -15.04 5.55
CA LEU A 63 0.29 -15.63 6.68
C LEU A 63 1.23 -14.58 7.27
N ARG A 64 1.93 -13.84 6.41
CA ARG A 64 2.93 -12.83 6.84
C ARG A 64 2.21 -11.66 7.52
N TYR A 65 1.07 -11.26 6.99
CA TYR A 65 0.28 -10.14 7.54
C TYR A 65 -0.18 -10.48 8.97
N LEU A 66 -0.73 -11.68 9.14
CA LEU A 66 -1.27 -12.11 10.46
C LEU A 66 -0.13 -12.29 11.45
N LYS A 67 1.01 -12.82 11.01
CA LYS A 67 2.16 -13.01 11.94
C LYS A 67 2.65 -11.64 12.44
N GLU A 68 2.75 -10.64 11.56
CA GLU A 68 3.23 -9.27 11.89
C GLU A 68 2.35 -8.69 13.01
N ARG A 69 1.08 -9.10 13.07
CA ARG A 69 0.05 -8.48 13.95
C ARG A 69 -0.30 -9.42 15.10
N ASN A 70 0.49 -10.45 15.33
CA ASN A 70 0.31 -11.38 16.45
C ASN A 70 -1.13 -11.90 16.45
N SER A 71 -1.64 -12.27 15.27
CA SER A 71 -3.03 -12.74 15.08
C SER A 71 -3.06 -14.27 14.98
N ARG A 72 -4.03 -14.89 15.64
CA ARG A 72 -4.29 -16.34 15.52
C ARG A 72 -5.48 -16.61 14.59
N LYS A 73 -6.01 -15.59 13.90
CA LYS A 73 -7.12 -15.74 12.92
C LYS A 73 -6.73 -16.75 11.85
N PRO A 74 -7.69 -17.56 11.37
CA PRO A 74 -7.47 -18.38 10.18
C PRO A 74 -7.63 -17.55 8.90
N ILE A 75 -7.15 -18.17 7.81
CA ILE A 75 -7.27 -17.64 6.43
C ILE A 75 -8.26 -18.52 5.68
N TYR A 76 -9.18 -17.89 4.94
CA TYR A 76 -10.02 -18.58 3.93
C TYR A 76 -9.48 -18.28 2.54
N SER A 77 -9.39 -19.33 1.72
CA SER A 77 -9.08 -19.32 0.28
C SER A 77 -10.13 -20.19 -0.41
N ASN A 78 -10.54 -19.82 -1.63
CA ASN A 78 -11.46 -20.70 -2.39
C ASN A 78 -10.64 -21.61 -3.31
N SER A 79 -9.31 -21.60 -3.21
CA SER A 79 -8.40 -22.38 -4.09
C SER A 79 -7.85 -23.60 -3.35
N GLN A 80 -8.47 -24.78 -3.51
CA GLN A 80 -7.90 -26.01 -2.88
C GLN A 80 -6.50 -26.25 -3.44
N THR A 81 -6.25 -25.94 -4.71
CA THR A 81 -4.91 -26.13 -5.33
C THR A 81 -3.89 -25.32 -4.53
N ALA A 82 -4.14 -24.03 -4.31
CA ALA A 82 -3.19 -23.13 -3.64
C ALA A 82 -3.05 -23.53 -2.18
N ILE A 83 -4.13 -23.96 -1.53
CA ILE A 83 -4.05 -24.40 -0.10
C ILE A 83 -3.05 -25.56 -0.01
N LYS A 84 -3.13 -26.50 -0.94
CA LYS A 84 -2.20 -27.66 -0.97
C LYS A 84 -0.77 -27.22 -1.28
N TRP A 85 -0.58 -26.30 -2.23
CA TRP A 85 0.77 -25.76 -2.54
C TRP A 85 1.37 -25.16 -1.27
N VAL A 86 0.60 -24.41 -0.50
CA VAL A 86 1.12 -23.76 0.73
C VAL A 86 1.47 -24.86 1.75
N LYS A 87 0.61 -25.85 1.92
CA LYS A 87 0.89 -26.96 2.86
C LYS A 87 2.20 -27.66 2.47
N ASP A 88 2.46 -27.83 1.16
CA ASP A 88 3.63 -28.56 0.62
C ASP A 88 4.85 -27.63 0.56
N LYS A 89 4.66 -26.34 0.81
CA LYS A 89 5.69 -25.27 0.68
C LYS A 89 6.29 -25.27 -0.72
N LYS A 90 5.47 -25.56 -1.72
CA LYS A 90 5.94 -25.49 -3.12
C LYS A 90 4.77 -25.17 -4.04
N ALA A 91 4.94 -24.13 -4.86
CA ALA A 91 3.97 -23.75 -5.91
C ALA A 91 4.30 -24.55 -7.16
N LYS A 92 3.56 -25.63 -7.40
CA LYS A 92 3.87 -26.60 -8.48
C LYS A 92 3.36 -26.03 -9.81
N SER A 93 3.83 -24.85 -10.18
CA SER A 93 3.41 -24.17 -11.41
C SER A 93 4.22 -24.66 -12.61
N THR A 94 3.56 -24.75 -13.76
CA THR A 94 4.09 -25.13 -15.10
C THR A 94 4.62 -23.91 -15.82
N LEU A 95 4.35 -22.70 -15.34
CA LEU A 95 4.64 -21.46 -16.11
C LEU A 95 6.14 -21.40 -16.40
N VAL A 96 6.51 -21.24 -17.67
CA VAL A 96 7.94 -21.07 -18.06
C VAL A 96 8.58 -19.95 -17.22
N ARG A 97 9.88 -20.10 -16.95
CA ARG A 97 10.72 -19.04 -16.34
C ARG A 97 11.49 -18.35 -17.47
N ASN A 98 10.99 -17.22 -17.91
CA ASN A 98 11.67 -16.36 -18.92
C ASN A 98 11.59 -14.90 -18.45
N GLU A 99 12.07 -13.98 -19.29
CA GLU A 99 12.13 -12.54 -18.93
C GLU A 99 10.72 -12.06 -18.56
N GLU A 100 9.70 -12.49 -19.31
CA GLU A 100 8.30 -12.01 -19.17
C GLU A 100 7.74 -12.47 -17.82
N THR A 101 8.19 -13.62 -17.31
CA THR A 101 7.61 -14.21 -16.07
C THR A 101 8.54 -14.00 -14.87
N ALA A 102 9.64 -13.27 -15.01
CA ALA A 102 10.61 -13.09 -13.92
C ALA A 102 9.94 -12.55 -12.64
N LEU A 103 9.00 -11.61 -12.74
CA LEU A 103 8.45 -10.97 -11.52
C LEU A 103 7.58 -12.00 -10.76
N ILE A 104 6.60 -12.62 -11.42
CA ILE A 104 5.72 -13.59 -10.71
C ILE A 104 6.61 -14.66 -10.08
N TRP A 105 7.65 -15.12 -10.78
CA TRP A 105 8.49 -16.22 -10.24
C TRP A 105 9.32 -15.69 -9.07
N LYS A 106 9.82 -14.47 -9.15
CA LYS A 106 10.57 -13.87 -8.00
C LYS A 106 9.66 -13.83 -6.76
N LEU A 107 8.41 -13.41 -6.93
CA LEU A 107 7.45 -13.35 -5.80
C LEU A 107 7.17 -14.77 -5.28
N VAL A 108 6.98 -15.74 -6.17
CA VAL A 108 6.72 -17.14 -5.74
C VAL A 108 7.95 -17.69 -5.01
N ASP A 109 9.15 -17.49 -5.56
CA ASP A 109 10.40 -17.99 -4.95
C ASP A 109 10.57 -17.36 -3.56
N GLU A 110 10.28 -16.08 -3.41
CA GLU A 110 10.41 -15.37 -2.11
C GLU A 110 9.34 -15.92 -1.14
N ALA A 111 8.13 -16.23 -1.61
CA ALA A 111 7.05 -16.80 -0.79
C ALA A 111 7.47 -18.19 -0.31
N GLU A 112 7.98 -19.03 -1.20
CA GLU A 112 8.49 -20.37 -0.81
C GLU A 112 9.60 -20.21 0.23
N GLU A 113 10.51 -19.27 0.04
CA GLU A 113 11.62 -19.05 1.01
C GLU A 113 11.01 -18.71 2.36
N TRP A 114 10.01 -17.82 2.39
CA TRP A 114 9.33 -17.46 3.65
C TRP A 114 8.78 -18.74 4.31
N LEU A 115 8.06 -19.57 3.56
CA LEU A 115 7.44 -20.81 4.14
C LEU A 115 8.54 -21.72 4.70
N ASN A 116 9.70 -21.73 4.05
CA ASN A 116 10.79 -22.70 4.38
C ASN A 116 11.57 -22.23 5.61
N THR A 117 11.36 -20.99 6.07
CA THR A 117 12.19 -20.36 7.13
C THR A 117 11.31 -19.83 8.27
N HIS A 118 10.00 -20.11 8.25
CA HIS A 118 9.06 -19.67 9.32
C HIS A 118 8.10 -20.80 9.68
N THR A 119 7.61 -20.79 10.92
CA THR A 119 6.55 -21.70 11.39
C THR A 119 5.31 -20.84 11.68
N TYR A 120 4.15 -21.44 11.54
CA TYR A 120 2.86 -20.79 11.87
C TYR A 120 1.86 -21.86 12.29
N GLU A 121 0.85 -21.41 13.03
CA GLU A 121 -0.31 -22.21 13.50
C GLU A 121 -1.56 -21.85 12.68
N THR A 122 -1.50 -20.75 11.91
CA THR A 122 -2.64 -20.20 11.14
C THR A 122 -3.36 -21.34 10.40
N PRO A 123 -4.63 -21.63 10.72
CA PRO A 123 -5.38 -22.56 9.89
C PRO A 123 -5.62 -21.93 8.50
N ILE A 124 -5.46 -22.73 7.46
CA ILE A 124 -5.74 -22.30 6.06
C ILE A 124 -6.91 -23.14 5.56
N LEU A 125 -8.08 -22.51 5.50
CA LEU A 125 -9.36 -23.20 5.36
C LEU A 125 -9.93 -22.98 3.96
N LYS A 126 -10.64 -23.97 3.47
CA LYS A 126 -11.35 -23.91 2.19
C LYS A 126 -12.64 -23.10 2.35
N TRP A 127 -12.78 -22.04 1.58
CA TRP A 127 -14.05 -21.29 1.45
C TRP A 127 -14.99 -22.08 0.53
N GLN A 128 -16.16 -22.46 1.03
CA GLN A 128 -17.10 -23.34 0.29
C GLN A 128 -18.06 -22.49 -0.55
N THR A 129 -17.63 -22.09 -1.74
CA THR A 129 -18.30 -21.10 -2.61
C THR A 129 -19.72 -21.57 -2.93
N ASP A 130 -19.87 -22.85 -3.30
CA ASP A 130 -21.18 -23.41 -3.70
C ASP A 130 -22.16 -23.26 -2.54
N LYS A 131 -21.71 -23.52 -1.31
CA LYS A 131 -22.56 -23.61 -0.10
C LYS A 131 -22.74 -22.21 0.52
N TRP A 132 -21.73 -21.34 0.46
CA TRP A 132 -21.65 -20.11 1.30
C TRP A 132 -21.82 -18.83 0.47
N GLY A 133 -21.72 -18.94 -0.85
CA GLY A 133 -21.64 -17.79 -1.76
C GLY A 133 -20.21 -17.35 -2.01
N GLU A 134 -20.01 -16.26 -2.73
CA GLU A 134 -18.66 -15.82 -3.14
C GLU A 134 -17.87 -15.41 -1.90
N ILE A 135 -16.59 -15.75 -1.86
CA ILE A 135 -15.62 -15.27 -0.83
C ILE A 135 -15.65 -13.74 -0.82
N LYS A 136 -15.49 -13.13 0.35
CA LYS A 136 -15.61 -11.66 0.51
C LYS A 136 -14.54 -10.90 -0.29
N ALA A 137 -13.40 -11.55 -0.58
CA ALA A 137 -12.23 -10.96 -1.29
C ALA A 137 -12.40 -11.06 -2.81
N ASP A 138 -13.50 -11.65 -3.29
CA ASP A 138 -13.75 -11.85 -4.74
C ASP A 138 -13.80 -10.50 -5.46
N TYR A 139 -13.20 -10.44 -6.66
CA TYR A 139 -13.13 -9.24 -7.54
C TYR A 139 -14.40 -9.16 -8.41
N GLU B 8 -2.63 -7.45 -22.97
CA GLU B 8 -3.62 -6.34 -22.99
C GLU B 8 -3.17 -5.24 -22.02
N ILE B 9 -3.85 -4.11 -22.05
CA ILE B 9 -3.43 -2.90 -21.30
C ILE B 9 -3.68 -3.12 -19.81
N ILE B 10 -2.69 -2.83 -18.97
CA ILE B 10 -2.86 -2.72 -17.50
C ILE B 10 -3.33 -1.30 -17.19
N TRP B 11 -4.63 -1.12 -16.95
CA TRP B 11 -5.22 0.23 -16.75
C TRP B 11 -4.77 0.81 -15.42
N GLU B 12 -4.52 -0.03 -14.41
CA GLU B 12 -4.02 0.37 -13.08
C GLU B 12 -2.50 0.51 -13.18
N SER B 13 -2.07 1.64 -13.73
CA SER B 13 -0.66 1.94 -14.06
C SER B 13 -0.49 3.45 -14.24
N LEU B 14 0.77 3.88 -14.27
CA LEU B 14 1.16 5.24 -14.70
C LEU B 14 1.59 5.16 -16.16
N SER B 15 1.38 6.25 -16.89
CA SER B 15 1.99 6.45 -18.23
C SER B 15 2.85 7.71 -18.16
N VAL B 16 4.06 7.66 -18.71
CA VAL B 16 4.97 8.85 -18.65
C VAL B 16 5.38 9.22 -20.07
N ASP B 17 5.73 10.48 -20.29
CA ASP B 17 6.20 10.91 -21.62
C ASP B 17 6.94 12.23 -21.53
N VAL B 18 7.94 12.37 -22.39
CA VAL B 18 8.55 13.67 -22.74
C VAL B 18 7.60 14.45 -23.64
N GLY B 19 7.73 15.78 -23.59
CA GLY B 19 7.26 16.70 -24.63
C GLY B 19 8.45 17.47 -25.16
N SER B 20 8.75 17.28 -26.44
CA SER B 20 9.99 17.80 -27.06
C SER B 20 9.63 18.48 -28.37
N GLN B 21 10.57 19.26 -28.88
CA GLN B 21 10.37 20.09 -30.10
C GLN B 21 11.53 19.79 -31.05
N GLY B 22 12.27 20.82 -31.45
CA GLY B 22 13.64 20.66 -31.97
C GLY B 22 14.47 19.85 -30.99
N ASN B 23 15.35 18.98 -31.50
CA ASN B 23 16.07 17.99 -30.67
C ASN B 23 17.54 18.03 -31.07
N PRO B 24 18.49 18.40 -30.17
CA PRO B 24 18.18 18.89 -28.83
C PRO B 24 17.39 20.20 -28.81
N GLY B 25 16.72 20.48 -27.70
CA GLY B 25 15.91 21.71 -27.57
C GLY B 25 15.13 21.72 -26.28
N ILE B 26 14.01 22.45 -26.25
CA ILE B 26 13.17 22.53 -25.02
C ILE B 26 12.54 21.16 -24.77
N VAL B 27 12.66 20.68 -23.54
CA VAL B 27 11.99 19.40 -23.14
C VAL B 27 11.20 19.65 -21.86
N GLU B 28 10.12 18.88 -21.70
CA GLU B 28 9.34 18.81 -20.45
C GLU B 28 8.85 17.37 -20.34
N TYR B 29 8.28 16.98 -19.22
CA TYR B 29 7.74 15.61 -19.13
C TYR B 29 6.65 15.56 -18.07
N LYS B 30 5.84 14.51 -18.13
CA LYS B 30 4.77 14.35 -17.14
C LYS B 30 4.42 12.87 -17.00
N GLY B 31 3.76 12.57 -15.89
CA GLY B 31 3.25 11.23 -15.56
C GLY B 31 1.77 11.32 -15.23
N VAL B 32 0.98 10.46 -15.85
CA VAL B 32 -0.50 10.53 -15.76
C VAL B 32 -1.05 9.14 -15.43
N ASP B 33 -2.25 9.11 -14.88
CA ASP B 33 -3.00 7.86 -14.73
C ASP B 33 -3.30 7.32 -16.13
N THR B 34 -2.93 6.08 -16.40
CA THR B 34 -3.07 5.46 -17.74
C THR B 34 -4.52 5.53 -18.20
N LYS B 35 -5.48 5.29 -17.30
CA LYS B 35 -6.91 5.26 -17.69
C LYS B 35 -7.49 6.68 -17.70
N THR B 36 -7.32 7.44 -16.63
CA THR B 36 -8.10 8.68 -16.39
C THR B 36 -7.39 9.88 -17.01
N GLY B 37 -6.07 9.82 -17.21
CA GLY B 37 -5.29 10.97 -17.69
C GLY B 37 -5.04 12.01 -16.61
N GLU B 38 -5.42 11.74 -15.36
CA GLU B 38 -5.07 12.63 -14.23
C GLU B 38 -3.56 12.85 -14.23
N VAL B 39 -3.12 14.11 -14.21
CA VAL B 39 -1.68 14.48 -14.15
C VAL B 39 -1.21 14.33 -12.71
N LEU B 40 -0.27 13.42 -12.48
CA LEU B 40 0.20 13.07 -11.11
C LEU B 40 1.50 13.82 -10.81
N PHE B 41 2.31 14.08 -11.83
CA PHE B 41 3.51 14.93 -11.70
C PHE B 41 3.89 15.49 -13.07
N GLU B 42 4.53 16.66 -13.06
CA GLU B 42 5.01 17.30 -14.31
C GLU B 42 6.27 18.09 -14.01
N ARG B 43 7.18 18.05 -14.98
CA ARG B 43 8.41 18.87 -15.04
C ARG B 43 8.19 19.96 -16.09
N GLU B 44 8.31 21.22 -15.67
CA GLU B 44 8.14 22.41 -16.55
C GLU B 44 9.28 22.44 -17.57
N PRO B 45 9.09 23.14 -18.71
CA PRO B 45 10.12 23.24 -19.75
C PRO B 45 11.54 23.52 -19.22
N ILE B 46 12.49 22.77 -19.79
CA ILE B 46 13.95 22.89 -19.57
C ILE B 46 14.53 23.38 -20.90
N PRO B 47 15.32 24.48 -20.95
CA PRO B 47 15.66 25.08 -22.23
C PRO B 47 16.47 24.19 -23.18
N ILE B 48 17.39 23.36 -22.67
CA ILE B 48 18.13 22.41 -23.55
C ILE B 48 18.15 21.01 -22.92
N GLY B 49 17.59 20.06 -23.64
CA GLY B 49 17.73 18.63 -23.30
C GLY B 49 17.58 17.81 -24.56
N THR B 50 17.72 16.49 -24.47
CA THR B 50 17.34 15.59 -25.57
C THR B 50 16.02 14.89 -25.25
N ASN B 51 15.35 14.46 -26.30
CA ASN B 51 14.18 13.57 -26.20
C ASN B 51 14.48 12.43 -25.22
N ASN B 52 15.62 11.77 -25.35
CA ASN B 52 15.94 10.55 -24.57
C ASN B 52 16.19 10.91 -23.10
N MET B 53 16.88 12.01 -22.84
CA MET B 53 17.07 12.45 -21.44
C MET B 53 15.69 12.69 -20.81
N GLY B 54 14.79 13.38 -21.50
CA GLY B 54 13.44 13.65 -20.97
C GLY B 54 12.68 12.35 -20.73
N GLU B 55 12.73 11.40 -21.68
CA GLU B 55 12.02 10.10 -21.53
C GLU B 55 12.58 9.36 -20.30
N PHE B 56 13.88 9.42 -20.08
CA PHE B 56 14.56 8.75 -18.95
C PHE B 56 14.12 9.40 -17.63
N LEU B 57 14.19 10.73 -17.55
CA LEU B 57 13.79 11.45 -16.32
C LEU B 57 12.33 11.12 -15.99
N ALA B 58 11.47 11.07 -17.00
CA ALA B 58 10.03 10.79 -16.82
C ALA B 58 9.88 9.41 -16.13
N ILE B 59 10.61 8.38 -16.57
CA ILE B 59 10.42 7.04 -15.95
C ILE B 59 10.92 7.12 -14.50
N VAL B 60 12.10 7.68 -14.27
CA VAL B 60 12.69 7.65 -12.91
C VAL B 60 11.86 8.51 -11.96
N HIS B 61 11.29 9.62 -12.45
CA HIS B 61 10.35 10.41 -11.63
C HIS B 61 9.15 9.53 -11.25
N GLY B 62 8.63 8.78 -12.22
CA GLY B 62 7.54 7.84 -11.94
C GLY B 62 7.93 6.87 -10.85
N LEU B 63 9.11 6.26 -10.94
CA LEU B 63 9.58 5.24 -9.96
C LEU B 63 9.61 5.88 -8.57
N ARG B 64 10.13 7.10 -8.48
CA ARG B 64 10.27 7.78 -7.18
C ARG B 64 8.88 8.14 -6.64
N TYR B 65 8.03 8.69 -7.49
CA TYR B 65 6.63 9.07 -7.13
C TYR B 65 5.92 7.85 -6.54
N LEU B 66 5.99 6.71 -7.21
CA LEU B 66 5.26 5.50 -6.76
C LEU B 66 5.93 4.93 -5.49
N LYS B 67 7.26 5.00 -5.37
CA LYS B 67 7.98 4.47 -4.17
C LYS B 67 7.57 5.32 -2.96
N GLU B 68 7.45 6.63 -3.15
CA GLU B 68 7.06 7.60 -2.09
C GLU B 68 5.70 7.18 -1.52
N ARG B 69 4.84 6.58 -2.35
CA ARG B 69 3.43 6.30 -2.02
C ARG B 69 3.23 4.79 -1.82
N ASN B 70 4.31 4.02 -1.71
CA ASN B 70 4.29 2.57 -1.41
C ASN B 70 3.44 1.85 -2.47
N SER B 71 3.55 2.28 -3.72
CA SER B 71 2.85 1.67 -4.88
C SER B 71 3.85 0.93 -5.75
N ARG B 72 3.46 -0.25 -6.21
CA ARG B 72 4.26 -1.14 -7.10
C ARG B 72 3.55 -1.28 -8.45
N LYS B 73 2.57 -0.43 -8.76
CA LYS B 73 1.82 -0.54 -10.04
C LYS B 73 2.76 -0.21 -11.19
N PRO B 74 2.51 -0.76 -12.39
CA PRO B 74 3.40 -0.57 -13.53
C PRO B 74 3.49 0.86 -14.06
N ILE B 75 4.60 1.13 -14.74
CA ILE B 75 4.84 2.37 -15.54
C ILE B 75 4.96 1.98 -17.02
N TYR B 76 4.25 2.71 -17.87
CA TYR B 76 4.37 2.59 -19.33
C TYR B 76 5.17 3.75 -19.89
N SER B 77 6.05 3.43 -20.82
CA SER B 77 6.80 4.40 -21.66
C SER B 77 6.78 3.88 -23.09
N ASN B 78 6.83 4.75 -24.09
CA ASN B 78 6.97 4.27 -25.49
C ASN B 78 8.42 4.44 -25.97
N SER B 79 9.37 4.69 -25.07
CA SER B 79 10.80 4.92 -25.43
C SER B 79 11.63 3.66 -25.16
N GLN B 80 11.93 2.87 -26.19
CA GLN B 80 12.90 1.75 -26.12
C GLN B 80 14.17 2.23 -25.42
N THR B 81 14.69 3.39 -25.78
CA THR B 81 15.97 3.88 -25.23
C THR B 81 15.83 4.09 -23.72
N ALA B 82 14.82 4.82 -23.27
CA ALA B 82 14.71 5.18 -21.83
C ALA B 82 14.49 3.89 -21.01
N ILE B 83 13.65 3.00 -21.49
CA ILE B 83 13.37 1.72 -20.78
C ILE B 83 14.69 0.97 -20.59
N LYS B 84 15.55 0.96 -21.62
CA LYS B 84 16.85 0.26 -21.52
C LYS B 84 17.75 0.97 -20.51
N TRP B 85 17.84 2.29 -20.59
CA TRP B 85 18.70 3.06 -19.68
C TRP B 85 18.26 2.78 -18.25
N VAL B 86 16.96 2.74 -17.98
CA VAL B 86 16.48 2.47 -16.59
C VAL B 86 16.85 1.03 -16.19
N LYS B 87 16.65 0.06 -17.07
CA LYS B 87 17.05 -1.35 -16.85
C LYS B 87 18.54 -1.41 -16.48
N ASP B 88 19.39 -0.69 -17.21
CA ASP B 88 20.86 -0.76 -17.07
C ASP B 88 21.31 0.11 -15.88
N LYS B 89 20.38 0.92 -15.34
CA LYS B 89 20.65 1.95 -14.31
C LYS B 89 21.76 2.88 -14.81
N LYS B 90 21.73 3.22 -16.10
CA LYS B 90 22.83 3.98 -16.76
C LYS B 90 22.27 4.67 -18.01
N ALA B 91 22.23 6.00 -18.00
CA ALA B 91 21.91 6.84 -19.17
C ALA B 91 23.15 6.97 -20.06
N LYS B 92 22.94 7.00 -21.38
CA LYS B 92 24.03 7.06 -22.40
C LYS B 92 23.77 8.25 -23.34
N SER B 93 23.51 9.43 -22.78
CA SER B 93 23.26 10.64 -23.59
C SER B 93 24.55 11.16 -24.22
N THR B 94 24.45 11.67 -25.44
CA THR B 94 25.55 12.34 -26.18
C THR B 94 25.54 13.84 -25.95
N LEU B 95 24.56 14.40 -25.22
CA LEU B 95 24.39 15.87 -25.09
C LEU B 95 25.66 16.46 -24.50
N VAL B 96 26.20 17.46 -25.17
CA VAL B 96 27.38 18.21 -24.67
C VAL B 96 27.09 18.59 -23.22
N ARG B 97 28.11 18.52 -22.37
CA ARG B 97 28.01 18.98 -20.95
C ARG B 97 28.73 20.33 -20.83
N ASN B 98 27.95 21.40 -20.68
CA ASN B 98 28.47 22.79 -20.55
C ASN B 98 27.51 23.61 -19.67
N GLU B 99 27.79 24.92 -19.51
CA GLU B 99 27.01 25.83 -18.63
C GLU B 99 25.55 25.83 -19.08
N GLU B 100 25.29 25.69 -20.38
CA GLU B 100 23.93 25.80 -20.97
C GLU B 100 23.14 24.52 -20.73
N THR B 101 23.82 23.37 -20.54
CA THR B 101 23.13 22.07 -20.35
C THR B 101 23.30 21.55 -18.92
N ALA B 102 23.78 22.37 -17.99
CA ALA B 102 24.04 21.97 -16.59
C ALA B 102 22.75 21.50 -15.91
N LEU B 103 21.61 22.13 -16.18
CA LEU B 103 20.33 21.81 -15.49
C LEU B 103 19.91 20.38 -15.84
N ILE B 104 19.80 20.03 -17.12
CA ILE B 104 19.30 18.68 -17.49
C ILE B 104 20.32 17.63 -17.04
N TRP B 105 21.62 17.91 -17.11
CA TRP B 105 22.66 16.93 -16.74
C TRP B 105 22.60 16.69 -15.23
N LYS B 106 22.33 17.73 -14.44
CA LYS B 106 22.14 17.59 -12.97
C LYS B 106 20.99 16.60 -12.73
N LEU B 107 19.86 16.82 -13.40
CA LEU B 107 18.66 15.97 -13.22
C LEU B 107 18.97 14.53 -13.63
N VAL B 108 19.68 14.33 -14.75
CA VAL B 108 20.05 12.97 -15.21
C VAL B 108 20.99 12.34 -14.17
N ASP B 109 22.00 13.08 -13.69
CA ASP B 109 22.94 12.58 -12.67
C ASP B 109 22.14 12.08 -11.47
N GLU B 110 21.17 12.89 -11.02
CA GLU B 110 20.41 12.62 -9.77
C GLU B 110 19.46 11.44 -10.01
N ALA B 111 18.91 11.30 -11.21
CA ALA B 111 18.06 10.14 -11.55
C ALA B 111 18.90 8.86 -11.52
N GLU B 112 20.06 8.86 -12.17
CA GLU B 112 20.97 7.69 -12.19
C GLU B 112 21.36 7.36 -10.75
N GLU B 113 21.66 8.37 -9.92
CA GLU B 113 22.08 8.17 -8.52
C GLU B 113 20.93 7.48 -7.76
N TRP B 114 19.70 7.95 -7.96
CA TRP B 114 18.52 7.34 -7.32
C TRP B 114 18.41 5.86 -7.72
N LEU B 115 18.58 5.54 -9.01
CA LEU B 115 18.47 4.15 -9.51
C LEU B 115 19.52 3.27 -8.82
N ASN B 116 20.72 3.82 -8.61
CA ASN B 116 21.88 3.02 -8.16
C ASN B 116 21.89 2.92 -6.63
N THR B 117 20.89 3.49 -5.95
CA THR B 117 20.81 3.48 -4.47
C THR B 117 19.45 2.98 -3.98
N HIS B 118 18.55 2.53 -4.87
CA HIS B 118 17.18 2.05 -4.52
C HIS B 118 16.87 0.79 -5.30
N THR B 119 16.03 -0.07 -4.71
CA THR B 119 15.46 -1.25 -5.40
C THR B 119 13.95 -1.03 -5.54
N TYR B 120 13.34 -1.61 -6.56
CA TYR B 120 11.90 -1.46 -6.83
C TYR B 120 11.40 -2.70 -7.57
N GLU B 121 10.11 -3.00 -7.39
CA GLU B 121 9.41 -4.11 -8.07
C GLU B 121 8.61 -3.55 -9.25
N THR B 122 8.48 -2.23 -9.34
CA THR B 122 7.68 -1.56 -10.40
C THR B 122 8.01 -2.16 -11.75
N PRO B 123 7.03 -2.78 -12.45
CA PRO B 123 7.23 -3.19 -13.84
C PRO B 123 7.32 -1.97 -14.76
N ILE B 124 8.33 -1.94 -15.62
CA ILE B 124 8.50 -0.90 -16.67
C ILE B 124 8.17 -1.55 -18.01
N LEU B 125 7.05 -1.14 -18.59
CA LEU B 125 6.44 -1.79 -19.76
C LEU B 125 6.50 -0.86 -20.97
N LYS B 126 6.68 -1.45 -22.16
CA LYS B 126 6.60 -0.71 -23.43
C LYS B 126 5.13 -0.50 -23.79
N TRP B 127 4.74 0.76 -24.01
CA TRP B 127 3.42 1.11 -24.56
C TRP B 127 3.38 0.76 -26.05
N GLN B 128 2.41 -0.05 -26.46
CA GLN B 128 2.31 -0.58 -27.84
C GLN B 128 1.45 0.38 -28.66
N THR B 129 2.06 1.46 -29.14
CA THR B 129 1.36 2.56 -29.85
C THR B 129 0.62 2.01 -31.08
N ASP B 130 1.26 1.13 -31.85
CA ASP B 130 0.67 0.60 -33.11
C ASP B 130 -0.69 -0.05 -32.82
N LYS B 131 -0.84 -0.66 -31.64
CA LYS B 131 -2.05 -1.46 -31.28
C LYS B 131 -3.01 -0.62 -30.45
N TRP B 132 -2.52 0.26 -29.59
CA TRP B 132 -3.30 0.90 -28.50
C TRP B 132 -3.56 2.39 -28.75
N GLY B 133 -2.93 2.99 -29.76
CA GLY B 133 -2.98 4.45 -29.96
C GLY B 133 -1.99 5.19 -29.08
N GLU B 134 -2.13 6.51 -29.00
CA GLU B 134 -1.09 7.39 -28.40
C GLU B 134 -1.04 7.12 -26.89
N ILE B 135 0.16 7.10 -26.32
CA ILE B 135 0.36 6.99 -24.83
C ILE B 135 -0.40 8.15 -24.16
N LYS B 136 -1.01 7.88 -23.00
CA LYS B 136 -1.95 8.85 -22.36
C LYS B 136 -1.20 10.12 -21.98
N ALA B 137 0.12 10.02 -21.74
CA ALA B 137 0.95 11.15 -21.26
C ALA B 137 1.48 11.99 -22.43
N ASP B 138 1.13 11.67 -23.68
CA ASP B 138 1.60 12.45 -24.87
C ASP B 138 1.05 13.88 -24.80
N TYR B 139 1.85 14.84 -25.24
CA TYR B 139 1.53 16.30 -25.25
C TYR B 139 0.74 16.66 -26.52
N GLU C 8 -10.48 -4.71 38.24
CA GLU C 8 -11.60 -3.99 37.58
C GLU C 8 -11.23 -3.63 36.12
N ILE C 9 -10.19 -4.26 35.57
CA ILE C 9 -9.92 -4.27 34.11
C ILE C 9 -11.07 -5.01 33.42
N ILE C 10 -11.62 -4.44 32.35
CA ILE C 10 -12.54 -5.17 31.43
C ILE C 10 -11.69 -5.77 30.31
N TRP C 11 -11.30 -7.03 30.44
CA TRP C 11 -10.40 -7.72 29.49
C TRP C 11 -11.01 -7.80 28.09
N GLU C 12 -12.34 -7.93 27.98
CA GLU C 12 -13.05 -7.97 26.68
C GLU C 12 -13.20 -6.53 26.18
N SER C 13 -12.10 -5.99 25.66
CA SER C 13 -11.95 -4.56 25.30
C SER C 13 -10.91 -4.44 24.17
N LEU C 14 -10.86 -3.25 23.60
CA LEU C 14 -9.82 -2.80 22.65
C LEU C 14 -9.01 -1.74 23.38
N SER C 15 -7.69 -1.77 23.28
CA SER C 15 -6.78 -0.74 23.86
C SER C 15 -6.09 0.00 22.72
N VAL C 16 -5.97 1.32 22.81
CA VAL C 16 -5.31 2.09 21.73
C VAL C 16 -4.05 2.74 22.31
N ASP C 17 -3.02 2.87 21.49
CA ASP C 17 -1.82 3.63 21.88
C ASP C 17 -1.20 4.31 20.67
N VAL C 18 -0.33 5.24 21.00
CA VAL C 18 0.29 6.20 20.06
C VAL C 18 1.80 6.17 20.28
N GLY C 19 2.57 6.35 19.21
CA GLY C 19 4.00 6.75 19.31
C GLY C 19 4.27 7.98 18.46
N SER C 20 4.89 9.01 19.05
CA SER C 20 5.35 10.23 18.32
C SER C 20 6.85 10.43 18.57
N GLN C 21 7.56 10.93 17.55
CA GLN C 21 8.98 11.33 17.65
C GLN C 21 9.04 12.83 17.97
N GLY C 22 9.24 13.15 19.25
CA GLY C 22 8.92 14.47 19.80
C GLY C 22 7.46 14.79 19.59
N ASN C 23 7.14 16.08 19.54
CA ASN C 23 5.75 16.57 19.66
C ASN C 23 5.78 18.07 19.44
N PRO C 24 5.23 18.59 18.31
CA PRO C 24 4.74 17.78 17.19
C PRO C 24 5.86 16.99 16.48
N GLY C 25 5.51 15.88 15.84
CA GLY C 25 6.47 15.04 15.12
C GLY C 25 5.79 13.90 14.39
N ILE C 26 6.57 12.92 13.94
CA ILE C 26 6.05 11.73 13.22
C ILE C 26 5.17 10.94 14.20
N VAL C 27 3.91 10.70 13.85
CA VAL C 27 2.98 10.04 14.80
C VAL C 27 2.33 8.83 14.11
N GLU C 28 2.19 7.76 14.87
CA GLU C 28 1.42 6.57 14.45
C GLU C 28 0.61 6.05 15.64
N TYR C 29 -0.36 5.20 15.34
CA TYR C 29 -1.18 4.60 16.40
C TYR C 29 -1.62 3.21 15.99
N LYS C 30 -2.09 2.46 16.97
CA LYS C 30 -2.64 1.11 16.71
C LYS C 30 -3.70 0.77 17.75
N GLY C 31 -4.56 -0.17 17.40
CA GLY C 31 -5.59 -0.72 18.29
C GLY C 31 -5.34 -2.20 18.52
N VAL C 32 -5.30 -2.63 19.77
CA VAL C 32 -4.90 -4.02 20.12
C VAL C 32 -5.97 -4.63 21.01
N ASP C 33 -6.23 -5.92 20.79
CA ASP C 33 -7.11 -6.72 21.67
C ASP C 33 -6.44 -6.79 23.05
N THR C 34 -7.09 -6.23 24.07
CA THR C 34 -6.52 -6.16 25.44
C THR C 34 -6.10 -7.57 25.93
N LYS C 35 -6.87 -8.61 25.64
CA LYS C 35 -6.62 -9.94 26.26
C LYS C 35 -5.72 -10.83 25.37
N THR C 36 -5.53 -10.51 24.08
CA THR C 36 -4.67 -11.36 23.20
C THR C 36 -3.38 -10.64 22.75
N GLY C 37 -3.39 -9.31 22.71
CA GLY C 37 -2.29 -8.50 22.14
C GLY C 37 -2.32 -8.50 20.60
N GLU C 38 -3.34 -9.08 19.98
CA GLU C 38 -3.51 -9.01 18.51
C GLU C 38 -3.62 -7.54 18.09
N VAL C 39 -2.90 -7.14 17.03
CA VAL C 39 -3.02 -5.77 16.47
C VAL C 39 -4.18 -5.74 15.48
N LEU C 40 -5.29 -5.11 15.86
CA LEU C 40 -6.58 -5.17 15.12
C LEU C 40 -6.63 -4.09 14.03
N PHE C 41 -5.97 -2.96 14.24
CA PHE C 41 -5.78 -1.91 13.21
C PHE C 41 -4.55 -1.08 13.55
N GLU C 42 -4.05 -0.35 12.56
CA GLU C 42 -2.84 0.50 12.71
C GLU C 42 -2.93 1.60 11.67
N ARG C 43 -2.35 2.75 12.00
CA ARG C 43 -2.22 3.89 11.08
C ARG C 43 -0.76 4.01 10.65
N GLU C 44 -0.53 4.13 9.34
CA GLU C 44 0.81 4.42 8.76
C GLU C 44 1.31 5.75 9.31
N PRO C 45 2.62 5.85 9.64
CA PRO C 45 3.18 7.09 10.15
C PRO C 45 2.73 8.33 9.37
N ILE C 46 2.27 9.33 10.13
CA ILE C 46 1.86 10.69 9.67
C ILE C 46 3.02 11.64 9.94
N PRO C 47 3.55 12.36 8.92
CA PRO C 47 4.81 13.08 9.09
C PRO C 47 4.83 14.09 10.25
N ILE C 48 3.76 14.85 10.42
CA ILE C 48 3.66 15.82 11.55
C ILE C 48 2.28 15.68 12.19
N GLY C 49 2.25 15.43 13.50
CA GLY C 49 1.02 15.54 14.31
C GLY C 49 1.39 15.69 15.77
N THR C 50 0.40 15.89 16.65
CA THR C 50 0.68 15.85 18.11
C THR C 50 0.30 14.48 18.68
N ASN C 51 0.86 14.12 19.83
CA ASN C 51 0.49 12.89 20.56
C ASN C 51 -1.03 12.93 20.79
N ASN C 52 -1.57 14.05 21.25
CA ASN C 52 -3.01 14.14 21.59
C ASN C 52 -3.87 13.93 20.34
N MET C 53 -3.47 14.49 19.19
CA MET C 53 -4.20 14.24 17.93
C MET C 53 -4.15 12.73 17.63
N GLY C 54 -2.99 12.08 17.79
CA GLY C 54 -2.90 10.63 17.53
C GLY C 54 -3.84 9.85 18.44
N GLU C 55 -3.92 10.23 19.71
CA GLU C 55 -4.78 9.54 20.71
C GLU C 55 -6.24 9.72 20.29
N PHE C 56 -6.60 10.92 19.85
CA PHE C 56 -7.99 11.21 19.38
C PHE C 56 -8.32 10.34 18.16
N LEU C 57 -7.43 10.32 17.18
CA LEU C 57 -7.67 9.55 15.93
C LEU C 57 -7.77 8.06 16.26
N ALA C 58 -6.96 7.57 17.19
CA ALA C 58 -6.92 6.14 17.53
C ALA C 58 -8.28 5.74 18.15
N ILE C 59 -8.79 6.55 19.08
CA ILE C 59 -10.13 6.25 19.68
C ILE C 59 -11.18 6.22 18.55
N VAL C 60 -11.20 7.22 17.70
CA VAL C 60 -12.31 7.32 16.69
C VAL C 60 -12.16 6.18 15.67
N HIS C 61 -10.94 5.81 15.31
CA HIS C 61 -10.69 4.59 14.50
C HIS C 61 -11.29 3.38 15.21
N GLY C 62 -11.03 3.24 16.51
CA GLY C 62 -11.60 2.17 17.34
C GLY C 62 -13.12 2.16 17.26
N LEU C 63 -13.75 3.34 17.35
CA LEU C 63 -15.23 3.47 17.34
C LEU C 63 -15.75 2.97 15.98
N ARG C 64 -15.13 3.39 14.89
CA ARG C 64 -15.55 3.03 13.50
C ARG C 64 -15.35 1.53 13.32
N TYR C 65 -14.24 0.99 13.84
CA TYR C 65 -13.88 -0.44 13.72
C TYR C 65 -14.92 -1.30 14.45
N LEU C 66 -15.27 -0.94 15.69
CA LEU C 66 -16.18 -1.72 16.56
C LEU C 66 -17.61 -1.58 16.04
N LYS C 67 -17.98 -0.42 15.48
CA LYS C 67 -19.34 -0.22 14.94
C LYS C 67 -19.53 -1.10 13.71
N GLU C 68 -18.53 -1.09 12.80
CA GLU C 68 -18.54 -1.83 11.51
C GLU C 68 -18.90 -3.30 11.74
N ARG C 69 -18.36 -3.90 12.80
CA ARG C 69 -18.47 -5.36 13.08
C ARG C 69 -19.45 -5.56 14.24
N ASN C 70 -20.27 -4.54 14.51
CA ASN C 70 -21.40 -4.58 15.46
C ASN C 70 -20.93 -5.12 16.80
N SER C 71 -19.80 -4.61 17.32
CA SER C 71 -19.30 -4.90 18.68
C SER C 71 -19.71 -3.79 19.64
N ARG C 72 -20.00 -4.16 20.89
CA ARG C 72 -20.32 -3.23 22.01
C ARG C 72 -19.18 -3.28 23.05
N LYS C 73 -18.02 -3.88 22.71
CA LYS C 73 -16.77 -3.89 23.52
C LYS C 73 -16.37 -2.46 23.86
N PRO C 74 -15.79 -2.20 25.06
CA PRO C 74 -15.23 -0.89 25.36
C PRO C 74 -13.87 -0.66 24.69
N ILE C 75 -13.50 0.61 24.59
CA ILE C 75 -12.12 1.06 24.24
C ILE C 75 -11.44 1.61 25.49
N TYR C 76 -10.19 1.21 25.73
CA TYR C 76 -9.27 1.85 26.71
C TYR C 76 -8.30 2.77 25.97
N SER C 77 -8.15 3.98 26.50
CA SER C 77 -7.12 4.98 26.12
C SER C 77 -6.41 5.44 27.39
N ASN C 78 -5.11 5.70 27.31
CA ASN C 78 -4.37 6.33 28.42
C ASN C 78 -4.57 7.84 28.44
N SER C 79 -5.24 8.40 27.44
CA SER C 79 -5.29 9.86 27.20
C SER C 79 -6.61 10.44 27.73
N GLN C 80 -6.59 11.03 28.93
CA GLN C 80 -7.76 11.75 29.45
C GLN C 80 -8.13 12.89 28.51
N THR C 81 -7.13 13.55 27.90
CA THR C 81 -7.38 14.67 26.98
C THR C 81 -8.15 14.13 25.77
N ALA C 82 -7.66 13.08 25.12
CA ALA C 82 -8.34 12.56 23.92
C ALA C 82 -9.74 12.05 24.26
N ILE C 83 -9.93 11.40 25.40
CA ILE C 83 -11.27 10.94 25.81
C ILE C 83 -12.19 12.17 25.89
N LYS C 84 -11.74 13.29 26.49
CA LYS C 84 -12.56 14.52 26.58
C LYS C 84 -12.91 15.01 25.17
N TRP C 85 -11.93 15.08 24.28
CA TRP C 85 -12.12 15.56 22.89
C TRP C 85 -13.20 14.71 22.21
N VAL C 86 -13.09 13.40 22.32
CA VAL C 86 -14.07 12.49 21.66
C VAL C 86 -15.48 12.77 22.22
N LYS C 87 -15.61 12.91 23.54
CA LYS C 87 -16.93 13.18 24.17
C LYS C 87 -17.43 14.58 23.75
N ASP C 88 -16.54 15.54 23.50
CA ASP C 88 -16.94 16.90 23.05
C ASP C 88 -17.20 16.92 21.55
N LYS C 89 -16.74 15.89 20.83
CA LYS C 89 -16.79 15.77 19.35
C LYS C 89 -15.91 16.85 18.72
N LYS C 90 -14.86 17.27 19.42
CA LYS C 90 -13.98 18.38 18.96
C LYS C 90 -12.59 18.11 19.51
N ALA C 91 -11.60 18.02 18.61
CA ALA C 91 -10.17 17.95 18.96
C ALA C 91 -9.63 19.37 19.18
N LYS C 92 -9.47 19.77 20.44
CA LYS C 92 -9.00 21.12 20.81
C LYS C 92 -7.48 21.19 20.73
N SER C 93 -6.92 20.89 19.57
CA SER C 93 -5.46 20.96 19.31
C SER C 93 -5.03 22.37 18.94
N THR C 94 -3.85 22.79 19.41
CA THR C 94 -3.19 24.08 19.10
C THR C 94 -2.37 23.97 17.81
N LEU C 95 -2.28 22.78 17.20
CA LEU C 95 -1.34 22.55 16.08
C LEU C 95 -1.71 23.46 14.90
N VAL C 96 -0.73 24.20 14.37
CA VAL C 96 -0.89 25.04 13.15
C VAL C 96 -1.48 24.19 12.03
N ARG C 97 -2.43 24.78 11.28
CA ARG C 97 -2.97 24.26 10.00
C ARG C 97 -2.19 24.85 8.83
N ASN C 98 -1.37 24.05 8.16
CA ASN C 98 -0.54 24.47 6.99
C ASN C 98 -0.26 23.24 6.13
N GLU C 99 0.53 23.40 5.06
CA GLU C 99 0.83 22.32 4.08
C GLU C 99 1.36 21.11 4.84
N GLU C 100 2.27 21.33 5.80
CA GLU C 100 2.98 20.28 6.55
C GLU C 100 1.99 19.45 7.38
N THR C 101 0.92 20.08 7.88
CA THR C 101 0.01 19.46 8.88
C THR C 101 -1.34 19.10 8.22
N ALA C 102 -1.46 19.26 6.90
CA ALA C 102 -2.72 19.03 6.16
C ALA C 102 -3.25 17.61 6.43
N LEU C 103 -2.37 16.62 6.47
CA LEU C 103 -2.82 15.20 6.56
C LEU C 103 -3.45 14.97 7.94
N ILE C 104 -2.73 15.27 9.02
CA ILE C 104 -3.28 15.04 10.39
C ILE C 104 -4.60 15.82 10.52
N TRP C 105 -4.67 17.06 10.03
CA TRP C 105 -5.89 17.91 10.20
C TRP C 105 -7.03 17.36 9.33
N LYS C 106 -6.73 16.83 8.15
CA LYS C 106 -7.75 16.13 7.31
C LYS C 106 -8.31 14.95 8.11
N LEU C 107 -7.45 14.18 8.77
CA LEU C 107 -7.87 12.98 9.53
C LEU C 107 -8.69 13.43 10.74
N VAL C 108 -8.27 14.51 11.40
CA VAL C 108 -9.02 15.05 12.57
C VAL C 108 -10.38 15.56 12.12
N ASP C 109 -10.46 16.27 10.99
CA ASP C 109 -11.75 16.78 10.46
C ASP C 109 -12.68 15.60 10.12
N GLU C 110 -12.16 14.54 9.50
CA GLU C 110 -12.95 13.33 9.14
C GLU C 110 -13.49 12.64 10.40
N ALA C 111 -12.67 12.59 11.45
CA ALA C 111 -13.04 11.98 12.74
C ALA C 111 -14.17 12.79 13.39
N GLU C 112 -14.07 14.13 13.37
CA GLU C 112 -15.11 15.02 13.94
C GLU C 112 -16.42 14.87 13.13
N GLU C 113 -16.32 14.77 11.80
CA GLU C 113 -17.49 14.44 10.94
C GLU C 113 -18.17 13.17 11.46
N TRP C 114 -17.40 12.09 11.65
CA TRP C 114 -17.92 10.77 12.04
C TRP C 114 -18.59 10.91 13.42
N LEU C 115 -17.95 11.63 14.34
CA LEU C 115 -18.50 11.80 15.71
C LEU C 115 -19.82 12.56 15.63
N ASN C 116 -19.91 13.55 14.74
CA ASN C 116 -21.08 14.46 14.66
C ASN C 116 -22.27 13.75 14.02
N THR C 117 -22.08 12.55 13.48
CA THR C 117 -23.11 11.80 12.70
C THR C 117 -23.34 10.39 13.27
N HIS C 118 -22.69 10.05 14.39
CA HIS C 118 -22.87 8.75 15.06
C HIS C 118 -23.13 9.01 16.54
N THR C 119 -24.11 8.32 17.08
CA THR C 119 -24.29 8.09 18.53
C THR C 119 -23.98 6.62 18.79
N TYR C 120 -22.77 6.34 19.23
CA TYR C 120 -22.12 5.02 19.15
C TYR C 120 -22.41 4.25 20.45
N GLU C 121 -22.14 2.95 20.42
CA GLU C 121 -22.39 2.03 21.56
C GLU C 121 -21.22 2.09 22.55
N THR C 122 -20.03 2.39 22.07
CA THR C 122 -18.74 2.04 22.73
C THR C 122 -18.56 2.87 24.01
N PRO C 123 -18.41 2.22 25.19
CA PRO C 123 -17.85 2.88 26.36
C PRO C 123 -16.38 3.25 26.14
N ILE C 124 -16.00 4.48 26.45
CA ILE C 124 -14.58 4.94 26.32
C ILE C 124 -13.99 5.16 27.72
N LEU C 125 -13.02 4.33 28.09
CA LEU C 125 -12.53 4.16 29.49
C LEU C 125 -11.07 4.58 29.60
N LYS C 126 -10.71 5.22 30.71
CA LYS C 126 -9.31 5.56 31.03
C LYS C 126 -8.58 4.29 31.46
N TRP C 127 -7.44 3.99 30.82
CA TRP C 127 -6.50 2.97 31.29
C TRP C 127 -5.73 3.49 32.51
N GLN C 128 -5.67 2.71 33.58
CA GLN C 128 -5.12 3.17 34.89
C GLN C 128 -3.69 2.64 35.00
N THR C 129 -2.78 3.26 34.25
CA THR C 129 -1.36 2.87 34.15
C THR C 129 -0.78 2.74 35.57
N ASP C 130 -1.08 3.72 36.42
CA ASP C 130 -0.78 3.73 37.88
C ASP C 130 -0.99 2.35 38.47
N LYS C 131 -2.17 1.77 38.25
CA LYS C 131 -2.66 0.53 38.94
C LYS C 131 -2.28 -0.72 38.16
N TRP C 132 -2.24 -0.65 36.82
CA TRP C 132 -2.33 -1.86 35.95
C TRP C 132 -1.05 -2.05 35.13
N GLY C 133 -0.09 -1.12 35.18
CA GLY C 133 1.08 -1.11 34.30
C GLY C 133 0.74 -0.62 32.91
N GLU C 134 1.65 -0.79 31.94
CA GLU C 134 1.57 -0.15 30.60
C GLU C 134 0.38 -0.74 29.85
N ILE C 135 -0.31 0.10 29.09
CA ILE C 135 -1.46 -0.30 28.23
C ILE C 135 -0.98 -1.35 27.23
N LYS C 136 -1.82 -2.33 26.93
CA LYS C 136 -1.42 -3.57 26.22
C LYS C 136 -1.13 -3.22 24.74
N ALA C 137 -1.42 -1.99 24.33
CA ALA C 137 -1.21 -1.45 22.97
C ALA C 137 0.14 -0.74 22.87
N ASP C 138 0.98 -0.81 23.92
CA ASP C 138 2.17 0.07 24.07
C ASP C 138 3.25 -0.36 23.06
N TYR C 139 3.88 0.63 22.42
CA TYR C 139 4.76 0.45 21.23
C TYR C 139 6.12 -0.11 21.68
C1 B86 D 1 5.34 -46.84 -15.51
N2 B86 D 1 6.12 -46.58 -16.58
C3 B86 D 1 7.17 -45.75 -16.49
N4 B86 D 1 7.47 -45.13 -15.27
C5 B86 D 1 6.68 -45.38 -14.21
C6 B86 D 1 5.57 -46.18 -14.30
N7 B86 D 1 4.31 -47.69 -15.54
F8 B86 D 1 4.78 -46.44 -13.24
O9 B86 D 1 7.90 -45.51 -17.44
C10 B86 D 1 8.72 -44.37 -15.15
O11 B86 D 1 8.96 -44.22 -13.75
C12 B86 D 1 9.13 -42.85 -13.40
C13 B86 D 1 8.56 -42.05 -14.56
O13 B86 D 1 9.32 -40.83 -14.67
C14 B86 D 1 8.70 -42.99 -15.75
C15 B86 D 1 8.47 -42.58 -12.04
O16 B86 D 1 7.05 -42.71 -12.08
P 7GU D 2 8.62 -39.42 -15.04
OP1 7GU D 2 9.71 -38.26 -14.69
OP2 7GU D 2 7.10 -39.42 -14.45
O5' 7GU D 2 8.52 -39.54 -16.72
N9 7GU D 2 6.15 -41.87 -18.57
C4 7GU D 2 5.48 -42.92 -19.00
N3 7GU D 2 5.40 -43.42 -20.25
C2 7GU D 2 4.58 -44.47 -20.46
N2 7GU D 2 4.40 -44.96 -21.70
N1 7GU D 2 3.86 -45.01 -19.44
C6 7GU D 2 3.93 -44.56 -18.17
O6 7GU D 2 3.19 -45.17 -17.34
C5 7GU D 2 4.77 -43.47 -17.93
C7 7GU D 2 5.07 -42.70 -16.84
C8 7GU D 2 5.92 -41.73 -17.24
C2' 7GU D 2 6.82 -39.59 -19.32
C5' 7GU D 2 9.68 -39.80 -17.47
C4' 7GU D 2 9.13 -40.06 -18.88
O4' 7GU D 2 8.39 -41.28 -18.82
C1' 7GU D 2 7.08 -41.08 -19.39
C3' 7GU D 2 8.20 -38.96 -19.35
O3' 7GU D 2 8.65 -38.65 -20.67
P C37 D 3 7.97 -37.49 -21.56
O1P C37 D 3 9.03 -36.96 -22.49
O2P C37 D 3 7.23 -36.52 -20.67
O5' C37 D 3 6.84 -38.26 -22.41
C5' C37 D 3 7.24 -39.31 -23.28
C4' C37 D 3 6.00 -39.84 -23.96
O4' C37 D 3 5.25 -40.60 -23.02
C3' C37 D 3 5.08 -38.77 -24.53
O3' C37 D 3 5.01 -39.02 -25.96
C2' C37 D 3 3.77 -38.98 -23.78
C1' C37 D 3 3.85 -40.41 -23.30
N1 C37 D 3 3.17 -40.76 -22.06
C2 C37 D 3 2.39 -41.91 -22.00
O2 C37 D 3 2.11 -42.53 -23.04
N3 C37 D 3 1.88 -42.30 -20.81
C4 C37 D 3 2.20 -41.64 -19.68
N4 C37 D 3 1.78 -42.08 -18.47
C5 C37 D 3 3.07 -40.55 -19.72
C6 C37 D 3 3.50 -40.11 -20.94
F C37 D 3 3.35 -39.85 -18.60
P 7GU D 4 4.60 -37.87 -26.96
OP1 7GU D 4 5.09 -38.34 -28.39
OP2 7GU D 4 5.12 -36.48 -26.39
O5' 7GU D 4 2.93 -37.91 -26.91
N9 7GU D 4 -0.05 -38.12 -22.94
C4 7GU D 4 -0.60 -39.09 -22.21
N3 7GU D 4 -1.47 -40.06 -22.60
C2 7GU D 4 -1.95 -40.91 -21.66
N2 7GU D 4 -2.81 -41.90 -22.00
N1 7GU D 4 -1.58 -40.82 -20.36
C6 7GU D 4 -0.68 -39.88 -19.93
O6 7GU D 4 -0.40 -39.86 -18.68
C5 7GU D 4 -0.18 -38.95 -20.87
C7 7GU D 4 0.70 -37.89 -20.86
C8 7GU D 4 0.76 -37.40 -22.14
C2' 7GU D 4 -0.78 -36.45 -24.70
C5' 7GU D 4 2.18 -36.77 -26.51
C4' 7GU D 4 0.79 -37.29 -26.32
O4' 7GU D 4 0.81 -38.11 -25.15
C1' 7GU D 4 -0.36 -37.89 -24.38
C3' 7GU D 4 -0.29 -36.22 -26.11
O3' 7GU D 4 -1.27 -36.49 -27.11
P 7DA D 5 -2.68 -35.71 -27.17
OP1 7DA D 5 -3.08 -35.67 -28.62
OP2 7DA D 5 -2.58 -34.43 -26.38
O5' 7DA D 5 -3.66 -36.67 -26.38
N9 7DA D 5 -4.60 -37.94 -22.71
C4 7DA D 5 -4.60 -38.46 -21.47
N3 7DA D 5 -5.32 -39.43 -20.91
C2 7DA D 5 -5.11 -39.70 -19.60
N1 7DA D 5 -4.22 -39.06 -18.85
C6 7DA D 5 -3.45 -38.06 -19.31
N6 7DA D 5 -2.54 -37.46 -18.53
C5 7DA D 5 -3.63 -37.68 -20.72
C7 7DA D 5 -3.04 -36.76 -21.62
C8 7DA D 5 -3.70 -36.94 -22.81
C2' 7DA D 5 -6.23 -37.35 -24.54
C5' 7DA D 5 -3.90 -37.98 -26.90
C4' 7DA D 5 -5.02 -38.69 -26.16
O4' 7DA D 5 -4.55 -38.98 -24.82
C1' 7DA D 5 -5.44 -38.43 -23.82
C3' 7DA D 5 -6.27 -37.82 -25.99
O3' 7DA D 5 -7.41 -38.63 -26.27
P 7DA D 6 -8.89 -37.98 -26.33
OP1 7DA D 6 -9.73 -38.88 -27.18
OP2 7DA D 6 -8.79 -36.51 -26.48
O5' 7DA D 6 -9.37 -38.14 -24.78
N9 7DA D 6 -8.20 -37.17 -20.60
C4 7DA D 6 -7.72 -37.21 -19.36
N3 7DA D 6 -8.05 -37.96 -18.26
C2 7DA D 6 -7.34 -37.74 -17.14
N1 7DA D 6 -6.37 -36.82 -17.01
C6 7DA D 6 -5.89 -36.11 -18.06
N6 7DA D 6 -4.91 -35.23 -17.89
C5 7DA D 6 -6.62 -36.25 -19.33
C7 7DA D 6 -6.52 -35.70 -20.62
C8 7DA D 6 -7.52 -36.27 -21.37
C2' 7DA D 6 -10.39 -37.22 -21.73
C5' 7DA D 6 -9.63 -39.44 -24.28
C4' 7DA D 6 -10.01 -39.32 -22.82
O4' 7DA D 6 -8.86 -38.95 -22.04
C1' 7DA D 6 -9.31 -38.02 -21.04
C3' 7DA D 6 -11.07 -38.26 -22.58
O3' 7DA D 6 -12.15 -38.93 -21.92
P UCL D 7 -13.54 -38.16 -21.56
O1P UCL D 7 -13.72 -36.89 -22.57
O2P UCL D 7 -14.71 -39.31 -21.55
O5' UCL D 7 -13.21 -37.59 -20.01
C5' UCL D 7 -13.04 -38.55 -18.98
C4' UCL D 7 -12.64 -37.71 -17.78
O4' UCL D 7 -11.33 -37.17 -18.03
C3' UCL D 7 -13.58 -36.53 -17.48
O3' UCL D 7 -14.61 -36.87 -16.51
C2' UCL D 7 -12.59 -35.46 -17.04
C1' UCL D 7 -11.22 -36.10 -17.11
N1 UCL D 7 -10.17 -35.20 -17.57
C2 UCL D 7 -9.18 -34.79 -16.69
O2 UCL D 7 -9.23 -35.21 -15.51
N3 UCL D 7 -8.20 -33.94 -17.11
C4 UCL D 7 -8.17 -33.43 -18.36
O4 UCL D 7 -7.21 -32.69 -18.70
C5 UCL D 7 -9.16 -33.86 -19.22
C6 UCL D 7 -10.15 -34.73 -18.83
CL UCL D 7 -9.21 -33.24 -20.88
P UCL D 8 -15.80 -35.80 -16.14
O1P UCL D 8 -17.01 -36.71 -15.53
O2P UCL D 8 -16.24 -35.11 -17.56
O5' UCL D 8 -15.01 -34.81 -15.00
O5' UCL D 8 -15.01 -34.78 -15.03
C5' UCL D 8 -14.52 -35.43 -13.83
C5' UCL D 8 -14.71 -35.28 -13.75
C4' UCL D 8 -14.25 -34.35 -12.81
C4' UCL D 8 -13.98 -34.17 -13.04
O4' UCL D 8 -12.98 -33.75 -13.07
O4' UCL D 8 -12.91 -33.70 -13.86
C3' UCL D 8 -15.28 -33.23 -12.89
C3' UCL D 8 -14.90 -32.98 -12.75
O3' UCL D 8 -15.58 -32.71 -11.60
O3' UCL D 8 -15.14 -32.96 -11.31
C2' UCL D 8 -14.59 -32.12 -13.65
C2' UCL D 8 -14.19 -31.79 -13.41
C1' UCL D 8 -13.14 -32.34 -13.27
C1' UCL D 8 -12.76 -32.28 -13.76
N1 UCL D 8 -12.28 -31.92 -14.35
N1 UCL D 8 -11.98 -31.81 -14.95
C2 UCL D 8 -11.04 -31.30 -14.09
C2 UCL D 8 -10.66 -31.36 -14.71
O2 UCL D 8 -10.71 -31.05 -12.93
O2 UCL D 8 -10.29 -31.24 -13.53
N3 UCL D 8 -10.19 -31.02 -15.11
N3 UCL D 8 -9.81 -31.01 -15.71
C4 UCL D 8 -10.56 -31.29 -16.37
C4 UCL D 8 -10.21 -31.11 -16.99
O4 UCL D 8 -9.80 -30.98 -17.31
O4 UCL D 8 -9.41 -30.79 -17.91
C5 UCL D 8 -11.79 -31.89 -16.65
C5 UCL D 8 -11.47 -31.60 -17.28
C6 UCL D 8 -12.63 -32.23 -15.60
C6 UCL D 8 -12.35 -31.97 -16.24
CL UCL D 8 -12.31 -32.27 -18.32
CL UCL D 8 -11.97 -31.72 -19.00
P C37 D 9 -16.39 -31.33 -11.44
P C37 D 9 -16.10 -31.84 -10.65
O1P C37 D 9 -16.78 -30.82 -12.82
O1P C37 D 9 -17.19 -31.46 -11.65
O2P C37 D 9 -17.57 -31.59 -10.53
O2P C37 D 9 -16.49 -32.26 -9.26
O5' C37 D 9 -15.31 -30.31 -10.76
O5' C37 D 9 -15.14 -30.54 -10.53
C5' C37 D 9 -14.26 -30.75 -9.89
C5' C37 D 9 -14.01 -30.56 -9.67
C4' C37 D 9 -13.41 -29.58 -9.34
C4' C37 D 9 -13.41 -29.16 -9.69
O4' C37 D 9 -12.36 -29.23 -10.27
O4' C37 D 9 -12.57 -29.03 -10.83
C3' C37 D 9 -14.20 -28.29 -9.12
C3' C37 D 9 -14.46 -28.04 -9.79
O3' C37 D 9 -13.58 -27.55 -8.04
O3' C37 D 9 -14.35 -27.17 -8.66
C2' C37 D 9 -14.01 -27.54 -10.42
C2' C37 D 9 -14.12 -27.29 -11.08
C1' C37 D 9 -12.56 -27.89 -10.75
C1' C37 D 9 -12.70 -27.71 -11.39
N1 C37 D 9 -12.31 -27.88 -12.18
N1 C37 D 9 -12.37 -27.77 -12.82
C2 C37 D 9 -11.12 -27.33 -12.68
C2 C37 D 9 -11.10 -27.32 -13.25
O2 C37 D 9 -10.32 -26.81 -11.88
O2 C37 D 9 -10.31 -26.85 -12.42
N3 C37 D 9 -10.83 -27.36 -13.99
N3 C37 D 9 -10.74 -27.41 -14.55
C4 C37 D 9 -11.68 -27.93 -14.85
C4 C37 D 9 -11.58 -27.95 -15.45
N4 C37 D 9 -11.34 -27.94 -16.16
N4 C37 D 9 -11.23 -28.02 -16.75
C5 C37 D 9 -12.88 -28.46 -14.38
C5 C37 D 9 -12.83 -28.39 -15.05
C6 C37 D 9 -13.18 -28.44 -13.03
C6 C37 D 9 -13.20 -28.29 -13.71
F C37 D 9 -13.75 -29.03 -15.22
F C37 D 9 -13.67 -28.90 -15.96
P 7GU D 10 -14.30 -26.24 -7.41
P 7GU D 10 -15.43 -25.99 -8.43
OP1 7GU D 10 -13.64 -26.06 -5.91
OP1 7GU D 10 -16.32 -26.46 -7.10
OP2 7GU D 10 -15.90 -26.46 -7.54
OP2 7GU D 10 -16.38 -25.96 -9.79
O5' 7GU D 10 -13.84 -25.02 -8.53
O5' 7GU D 10 -14.40 -24.61 -8.38
N9 7GU D 10 -13.48 -23.82 -12.80
N9 7GU D 10 -12.55 -23.57 -12.71
C4 7GU D 10 -12.58 -23.82 -13.77
C4 7GU D 10 -11.68 -23.50 -13.72
N3 7GU D 10 -11.36 -23.21 -13.80
N3 7GU D 10 -10.48 -22.91 -13.85
C2 7GU D 10 -10.60 -23.37 -14.90
C2 7GU D 10 -9.78 -23.00 -15.01
N2 7GU D 10 -9.44 -22.67 -14.99
N2 7GU D 10 -8.64 -22.27 -15.16
N1 7GU D 10 -11.07 -24.03 -15.98
N1 7GU D 10 -10.30 -23.65 -16.09
C6 7GU D 10 -12.29 -24.62 -15.98
C6 7GU D 10 -11.51 -24.25 -16.00
O6 7GU D 10 -12.70 -25.21 -17.01
O6 7GU D 10 -11.98 -24.84 -17.01
C5 7GU D 10 -13.08 -24.51 -14.84
C5 7GU D 10 -12.23 -24.18 -14.81
C7 7GU D 10 -14.32 -24.96 -14.48
C7 7GU D 10 -13.42 -24.67 -14.40
C8 7GU D 10 -14.55 -24.53 -13.20
C8 7GU D 10 -13.61 -24.28 -13.11
C2' 7GU D 10 -14.44 -22.62 -10.82
C2' 7GU D 10 -13.47 -22.24 -10.79
C5' 7GU D 10 -12.71 -24.24 -8.22
C5' 7GU D 10 -12.99 -24.73 -8.35
C4' 7GU D 10 -12.63 -23.27 -9.37
C4' 7GU D 10 -12.34 -23.58 -9.11
O4' 7GU D 10 -12.60 -24.01 -10.59
O4' 7GU D 10 -11.93 -24.00 -10.43
C1' 7GU D 10 -13.21 -23.13 -11.54
C1' 7GU D 10 -12.28 -22.98 -11.38
C3' 7GU D 10 -13.85 -22.36 -9.44
C3' 7GU D 10 -13.30 -22.40 -9.29
O3' 7GU D 10 -13.34 -21.02 -9.35
O3' 7GU D 10 -12.71 -21.24 -8.68
P C37 D 11 -14.29 -19.78 -9.00
P C37 D 11 -13.39 -19.80 -8.84
O1P C37 D 11 -13.43 -18.58 -8.71
O1P C37 D 11 -12.52 -18.76 -8.17
O2P C37 D 11 -15.22 -20.19 -7.86
O2P C37 D 11 -14.77 -19.84 -8.24
O5' C37 D 11 -15.16 -19.58 -10.33
O5' C37 D 11 -13.50 -19.62 -10.43
C5' C37 D 11 -14.86 -18.55 -11.26
C5' C37 D 11 -13.27 -18.36 -11.03
C4' C37 D 11 -13.51 -18.79 -11.90
C4' C37 D 11 -11.99 -18.37 -11.86
O4' C37 D 11 -13.41 -20.09 -12.50
O4' C37 D 11 -11.74 -19.62 -12.52
C3' C37 D 11 -13.28 -17.78 -13.02
C3' C37 D 11 -12.14 -17.33 -12.93
O3' C37 D 11 -12.49 -16.70 -12.48
O3' C37 D 11 -11.50 -16.11 -12.54
C2' C37 D 11 -12.53 -18.54 -14.09
C2' C37 D 11 -11.53 -17.91 -14.18
C1' C37 D 11 -12.76 -20.01 -13.78
C1' C37 D 11 -11.43 -19.40 -13.90
N1 C37 D 11 -13.60 -20.68 -14.78
N1 C37 D 11 -12.37 -20.17 -14.73
C2 C37 D 11 -13.00 -21.05 -16.00
C2 C37 D 11 -12.03 -20.50 -16.06
O2 C37 D 11 -11.85 -20.67 -16.26
O2 C37 D 11 -10.94 -20.10 -16.53
N3 C37 D 11 -13.70 -21.75 -16.93
N3 C37 D 11 -12.86 -21.27 -16.81
C4 C37 D 11 -14.95 -22.18 -16.65
C4 C37 D 11 -14.01 -21.73 -16.27
N4 C37 D 11 -15.64 -22.88 -17.56
N4 C37 D 11 -14.82 -22.50 -17.04
C5 C37 D 11 -15.55 -21.80 -15.47
C5 C37 D 11 -14.36 -21.41 -14.97
C6 C37 D 11 -14.83 -21.10 -14.50
C6 C37 D 11 -13.50 -20.62 -14.21
F C37 D 11 -16.81 -22.20 -15.22
F C37 D 11 -15.50 -21.84 -14.41
P 7GU D 12 -12.83 -15.18 -12.85
P 7GU D 12 -12.15 -14.71 -12.95
OP1 7GU D 12 -12.16 -14.30 -11.64
OP1 7GU D 12 -11.68 -13.66 -11.76
OP2 7GU D 12 -14.46 -15.07 -13.03
OP2 7GU D 12 -13.79 -14.99 -13.06
O5' 7GU D 12 -12.03 -14.99 -14.32
O5' 7GU D 12 -11.38 -14.44 -14.45
N9 7GU D 12 -12.90 -16.72 -17.36
N9 7GU D 12 -12.36 -16.67 -17.55
C4 7GU D 12 -13.16 -17.63 -18.28
C4 7GU D 12 -12.59 -17.48 -18.55
N3 7GU D 12 -12.44 -17.99 -19.37
N3 7GU D 12 -11.92 -17.62 -19.70
C2 7GU D 12 -12.96 -18.90 -20.22
C2 7GU D 12 -12.37 -18.53 -20.58
N2 7GU D 12 -12.37 -19.20 -21.41
N2 7GU D 12 -11.76 -18.58 -21.77
N1 7GU D 12 -14.09 -19.52 -19.93
N1 7GU D 12 -13.46 -19.31 -20.31
C6 7GU D 12 -14.81 -19.25 -18.81
C6 7GU D 12 -14.15 -19.16 -19.16
O6 7GU D 12 -15.88 -19.90 -18.65
O6 7GU D 12 -15.14 -19.89 -18.92
C5 7GU D 12 -14.35 -18.28 -17.94
C5 7GU D 12 -13.69 -18.25 -18.23
C7 7GU D 12 -14.80 -17.71 -16.79
C7 7GU D 12 -14.11 -17.85 -17.01
C8 7GU D 12 -13.90 -16.74 -16.45
C8 7GU D 12 -13.27 -16.87 -16.59
C2' 7GU D 12 -12.07 -14.32 -17.32
C2' 7GU D 12 -11.59 -14.31 -17.31
C5' 7GU D 12 -10.62 -14.81 -14.36
C5' 7GU D 12 -10.05 -14.91 -14.57
C4' 7GU D 12 -10.26 -14.85 -15.84
C4' 7GU D 12 -9.68 -14.95 -16.05
O4' 7GU D 12 -10.80 -16.07 -16.36
O4' 7GU D 12 -10.22 -16.11 -16.66
C1' 7GU D 12 -11.72 -15.80 -17.42
C1' 7GU D 12 -11.22 -15.74 -17.62
C3' 7GU D 12 -10.87 -13.70 -16.62
C3' 7GU D 12 -10.28 -13.79 -16.80
O3' 7GU D 12 -9.97 -13.16 -17.60
O3' 7GU D 12 -9.46 -13.52 -17.94
C1 B86 E 1 -16.20 -21.90 -21.84
N2 B86 E 1 -15.16 -21.09 -22.09
C3 B86 E 1 -14.59 -21.03 -23.32
N4 B86 E 1 -15.13 -21.83 -24.36
C5 B86 E 1 -16.18 -22.60 -24.10
C6 B86 E 1 -16.72 -22.73 -22.85
N7 B86 E 1 -16.76 -21.97 -20.62
F8 B86 E 1 -17.76 -23.52 -22.57
O9 B86 E 1 -13.64 -20.30 -23.62
C10 B86 E 1 -14.64 -21.58 -25.72
O11 B86 E 1 -15.60 -22.15 -26.64
C12 B86 E 1 -14.95 -23.12 -27.46
C13 B86 E 1 -13.62 -23.46 -26.78
O13 B86 E 1 -12.66 -23.71 -27.81
C14 B86 E 1 -13.29 -22.20 -26.02
C15 B86 E 1 -15.87 -24.31 -27.62
O16 B86 E 1 -16.16 -24.97 -26.38
P 7GU E 2 -11.48 -24.81 -27.59
OP1 7GU E 2 -10.88 -25.05 -29.08
OP2 7GU E 2 -12.10 -26.03 -26.76
O5' 7GU E 2 -10.39 -23.94 -26.62
N9 7GU E 2 -10.71 -23.22 -23.02
C4 7GU E 2 -11.12 -22.77 -21.83
N3 7GU E 2 -10.53 -21.90 -20.98
C2 7GU E 2 -11.12 -21.67 -19.80
N2 7GU E 2 -10.43 -20.90 -18.94
N1 7GU E 2 -12.29 -22.22 -19.45
C6 7GU E 2 -12.95 -23.06 -20.28
O6 7GU E 2 -14.04 -23.57 -19.94
C5 7GU E 2 -12.33 -23.36 -21.51
C7 7GU E 2 -12.66 -24.15 -22.56
C8 7GU E 2 -11.66 -24.07 -23.48
C2' 7GU E 2 -8.57 -23.92 -24.19
C5' 7GU E 2 -9.72 -22.80 -27.09
C4' 7GU E 2 -8.87 -22.31 -25.95
O4' 7GU E 2 -9.73 -21.98 -24.86
C1' 7GU E 2 -9.45 -22.77 -23.69
C3' 7GU E 2 -7.90 -23.39 -25.44
O3' 7GU E 2 -6.71 -22.65 -25.17
P C37 E 3 -5.31 -23.38 -24.86
O1P C37 E 3 -4.24 -22.74 -25.72
O2P C37 E 3 -5.49 -24.87 -24.96
O5' C37 E 3 -5.05 -23.05 -23.30
C5' C37 E 3 -4.64 -21.73 -22.97
C4' C37 E 3 -4.85 -21.54 -21.48
O4' C37 E 3 -6.23 -21.74 -21.15
C3' C37 E 3 -4.11 -22.50 -20.56
O3' C37 E 3 -2.85 -21.92 -20.33
C2' C37 E 3 -4.94 -22.47 -19.30
C1' C37 E 3 -6.32 -22.09 -19.76
N1 C37 E 3 -7.32 -23.15 -19.61
C2 C37 E 3 -8.12 -23.15 -18.45
O2 C37 E 3 -7.83 -22.35 -17.54
N3 C37 E 3 -9.17 -23.98 -18.35
C4 C37 E 3 -9.47 -24.82 -19.37
N4 C37 E 3 -10.55 -25.61 -19.29
C5 C37 E 3 -8.66 -24.86 -20.49
C6 C37 E 3 -7.62 -23.98 -20.60
F C37 E 3 -8.97 -25.72 -21.48
P 7GU E 4 -1.66 -22.75 -19.68
OP1 7GU E 4 -0.37 -21.82 -19.84
OP2 7GU E 4 -1.74 -24.27 -20.25
O5' 7GU E 4 -2.10 -22.92 -18.10
N9 7GU E 4 -4.67 -24.80 -16.12
C4 7GU E 4 -5.86 -25.17 -15.64
N3 7GU E 4 -6.38 -24.97 -14.40
C2 7GU E 4 -7.61 -25.42 -14.13
N2 7GU E 4 -8.10 -25.30 -12.87
N1 7GU E 4 -8.28 -26.14 -15.04
C6 7GU E 4 -7.82 -26.35 -16.30
O6 7GU E 4 -8.54 -27.05 -17.05
C5 7GU E 4 -6.54 -25.87 -16.64
C7 7GU E 4 -5.73 -25.90 -17.73
C8 7GU E 4 -4.57 -25.26 -17.38
C2' 7GU E 4 -2.25 -24.45 -15.44
C5' 7GU E 4 -2.09 -21.73 -17.33
C4' 7GU E 4 -2.42 -22.10 -15.90
O4' 7GU E 4 -3.73 -22.64 -15.79
C1' 7GU E 4 -3.70 -23.99 -15.33
C3' 7GU E 4 -1.49 -23.14 -15.31
O3' 7GU E 4 -1.31 -22.74 -13.94
P 7DA E 5 -0.16 -23.34 -13.03
OP1 7DA E 5 0.38 -22.21 -12.20
OP2 7DA E 5 0.79 -24.11 -13.89
O5' 7DA E 5 -0.96 -24.32 -12.04
N9 7DA E 5 -4.43 -27.81 -13.42
C4 7DA E 5 -5.61 -28.39 -13.66
N3 7DA E 5 -6.69 -28.61 -12.88
C2 7DA E 5 -7.75 -29.23 -13.40
N1 7DA E 5 -7.79 -29.66 -14.67
C6 7DA E 5 -6.78 -29.48 -15.53
N6 7DA E 5 -6.89 -29.88 -16.82
C5 7DA E 5 -5.59 -28.77 -15.06
C7 7DA E 5 -4.31 -28.44 -15.55
C8 7DA E 5 -3.65 -27.79 -14.53
C2' 7DA E 5 -3.58 -28.13 -11.10
C5' 7DA E 5 -0.89 -25.76 -12.15
C4' 7DA E 5 -2.13 -26.30 -11.45
O4' 7DA E 5 -3.26 -26.11 -12.30
C1' 7DA E 5 -4.18 -27.17 -12.11
C3' 7DA E 5 -2.11 -27.79 -11.13
O3' 7DA E 5 -1.51 -27.96 -9.85
P 7DA E 6 -0.87 -29.38 -9.41
OP1 7DA E 6 -0.30 -29.17 -8.04
OP2 7DA E 6 -0.04 -29.92 -10.53
O5' 7DA E 6 -2.14 -30.35 -9.33
N9 7DA E 6 -4.31 -32.13 -11.82
C4 7DA E 6 -5.16 -32.52 -12.78
N3 7DA E 6 -6.36 -33.13 -12.75
C2 7DA E 6 -6.99 -33.38 -13.91
N1 7DA E 6 -6.47 -33.06 -15.11
C6 7DA E 6 -5.28 -32.48 -15.26
N6 7DA E 6 -4.81 -32.16 -16.49
C5 7DA E 6 -4.56 -32.09 -14.03
C7 7DA E 6 -3.30 -31.52 -13.73
C8 7DA E 6 -3.22 -31.53 -12.35
C2' 7DA E 6 -3.30 -33.22 -9.91
C5' 7DA E 6 -3.09 -30.30 -8.28
C4' 7DA E 6 -4.00 -31.48 -8.44
O4' 7DA E 6 -4.72 -31.28 -9.65
C1' 7DA E 6 -4.55 -32.48 -10.41
C3' 7DA E 6 -3.18 -32.78 -8.49
O3' 7DA E 6 -3.80 -33.71 -7.62
P UCL E 7 -3.34 -35.24 -7.58
O1P UCL E 7 -1.91 -35.37 -8.36
O2P UCL E 7 -3.48 -35.67 -6.01
O5' UCL E 7 -4.52 -35.97 -8.50
C5' UCL E 7 -5.80 -35.98 -7.94
C4' UCL E 7 -6.67 -36.91 -8.77
O4' UCL E 7 -6.66 -36.44 -10.13
C3' UCL E 7 -6.12 -38.35 -8.81
O3' UCL E 7 -7.24 -39.22 -8.63
C2' UCL E 7 -5.51 -38.48 -10.20
C1' UCL E 7 -6.32 -37.50 -11.02
N1 UCL E 7 -5.61 -36.98 -12.18
C2 UCL E 7 -6.11 -37.14 -13.49
O2 UCL E 7 -7.12 -37.80 -13.74
N3 UCL E 7 -5.43 -36.56 -14.52
C4 UCL E 7 -4.30 -35.86 -14.32
O4 UCL E 7 -3.66 -35.36 -15.28
C5 UCL E 7 -3.80 -35.72 -13.04
C6 UCL E 7 -4.49 -36.28 -11.97
CL UCL E 7 -2.28 -34.87 -12.67
P UCL E 8 -7.03 -40.78 -8.25
O1P UCL E 8 -8.20 -41.14 -7.23
O2P UCL E 8 -5.50 -41.01 -7.85
O5' UCL E 8 -7.42 -41.53 -9.68
C5' UCL E 8 -6.39 -42.15 -10.46
C4' UCL E 8 -7.01 -42.28 -11.82
O4' UCL E 8 -6.96 -40.99 -12.44
C3' UCL E 8 -6.36 -43.23 -12.79
O3' UCL E 8 -6.86 -44.56 -12.56
C2' UCL E 8 -6.81 -42.66 -14.13
C1' UCL E 8 -6.78 -41.18 -13.86
N1 UCL E 8 -5.56 -40.53 -14.33
C2 UCL E 8 -5.41 -40.27 -15.68
O2 UCL E 8 -6.27 -40.70 -16.45
N3 UCL E 8 -4.30 -39.62 -16.13
C4 UCL E 8 -3.40 -39.16 -15.27
O4 UCL E 8 -2.41 -38.49 -15.73
C5 UCL E 8 -3.50 -39.47 -13.93
C6 UCL E 8 -4.59 -40.14 -13.47
CL UCL E 8 -2.27 -38.97 -12.76
P C37 E 9 -6.11 -45.83 -13.23
O1P C37 E 9 -4.64 -45.70 -13.03
O2P C37 E 9 -6.79 -47.09 -12.71
O5' C37 E 9 -6.39 -45.66 -14.78
C5' C37 E 9 -7.70 -45.78 -15.35
C4' C37 E 9 -7.58 -45.57 -16.84
O4' C37 E 9 -7.02 -44.28 -17.15
C3' C37 E 9 -6.69 -46.55 -17.56
O3' C37 E 9 -7.49 -47.67 -17.93
C2' C37 E 9 -6.14 -45.78 -18.74
C1' C37 E 9 -6.15 -44.35 -18.28
N1 C37 E 9 -4.85 -43.82 -17.87
C2 C37 E 9 -4.11 -43.08 -18.81
O2 C37 E 9 -4.45 -43.18 -19.99
N3 C37 E 9 -2.98 -42.42 -18.42
C4 C37 E 9 -2.59 -42.41 -17.14
N4 C37 E 9 -1.53 -41.69 -16.79
C5 C37 E 9 -3.33 -43.11 -16.21
C6 C37 E 9 -4.44 -43.83 -16.59
F C37 E 9 -2.92 -43.12 -14.90
P 7GU E 10 -6.88 -49.12 -18.09
OP1 7GU E 10 -8.18 -50.11 -18.24
OP2 7GU E 10 -5.79 -49.38 -16.95
O5' 7GU E 10 -6.06 -49.01 -19.52
N9 7GU E 10 -2.82 -47.39 -20.47
C4 7GU E 10 -1.93 -46.42 -20.70
N3 7GU E 10 -1.51 -45.91 -21.88
C2 7GU E 10 -0.56 -44.95 -21.88
N2 7GU E 10 -0.12 -44.45 -23.06
N1 7GU E 10 -0.13 -44.40 -20.70
C6 7GU E 10 -0.55 -44.85 -19.51
O6 7GU E 10 -0.08 -44.30 -18.46
C5 7GU E 10 -1.49 -45.90 -19.48
C7 7GU E 10 -2.17 -46.57 -18.51
C8 7GU E 10 -2.99 -47.47 -19.12
C2' 7GU E 10 -3.56 -49.63 -21.28
C5' 7GU E 10 -6.80 -48.88 -20.70
C4' 7GU E 10 -5.77 -48.79 -21.81
O4' 7GU E 10 -4.86 -47.68 -21.64
C1' 7GU E 10 -3.50 -48.13 -21.54
C3' 7GU E 10 -4.89 -50.05 -21.85
O3' 7GU E 10 -4.79 -50.39 -23.25
P C37 E 11 -4.03 -51.72 -23.72
O1P C37 E 11 -4.56 -52.11 -25.07
O2P C37 E 11 -4.08 -52.75 -22.61
O5' C37 E 11 -2.51 -51.27 -23.82
C5' C37 E 11 -2.15 -50.27 -24.78
C4' C37 E 11 -0.76 -49.80 -24.54
O4' C37 E 11 -0.70 -49.06 -23.31
C3' C37 E 11 0.28 -50.90 -24.36
O3' C37 E 11 0.86 -51.16 -25.65
C2' C37 E 11 1.32 -50.28 -23.43
C1' C37 E 11 0.70 -48.95 -23.04
N1 C37 E 11 0.90 -48.58 -21.64
C2 C37 E 11 1.75 -47.51 -21.34
O2 C37 E 11 2.43 -46.94 -22.22
N3 C37 E 11 1.93 -47.19 -20.05
C4 C37 E 11 1.26 -47.83 -19.08
N4 C37 E 11 1.42 -47.42 -17.82
C5 C37 E 11 0.43 -48.90 -19.37
C6 C37 E 11 0.26 -49.25 -20.69
F C37 E 11 -0.20 -49.59 -18.39
P 7GU E 12 1.67 -52.50 -25.94
OP1 7GU E 12 1.38 -52.78 -27.49
OP2 7GU E 12 1.31 -53.62 -24.86
O5' 7GU E 12 3.26 -52.05 -25.67
N9 7GU E 12 5.20 -50.16 -22.41
C4 7GU E 12 5.43 -49.30 -21.42
N3 7GU E 12 6.23 -48.20 -21.39
C2 7GU E 12 6.34 -47.51 -20.22
N2 7GU E 12 7.19 -46.47 -20.14
N1 7GU E 12 5.60 -47.85 -19.17
C6 7GU E 12 4.80 -48.92 -19.15
O6 7GU E 12 4.17 -49.23 -18.09
C5 7GU E 12 4.66 -49.68 -20.34
C7 7GU E 12 4.01 -50.84 -20.71
C8 7GU E 12 4.33 -51.08 -22.00
C2' 7GU E 12 6.66 -51.33 -24.08
C5' 7GU E 12 3.86 -51.10 -26.52
C4' 7GU E 12 5.16 -50.72 -25.84
O4' 7GU E 12 4.83 -49.92 -24.71
C1' 7GU E 12 5.86 -50.06 -23.73
C3' 7GU E 12 5.97 -51.90 -25.31
O3' 7GU E 12 6.93 -52.36 -26.24
MG MG F . -12.79 -14.81 -7.34
NA NA G . 7.52 9.04 -25.72
NA NA H . 1.09 6.31 24.86
C1 GOL I . -8.83 -41.14 -18.59
O1 GOL I . -9.62 -40.13 -17.96
C2 GOL I . -9.63 -41.88 -19.64
O2 GOL I . -8.81 -42.87 -20.26
C3 GOL I . -10.87 -42.50 -19.03
O3 GOL I . -11.38 -43.59 -19.81
#